data_6T0L
#
_entry.id   6T0L
#
_cell.length_a   71.570
_cell.length_b   71.570
_cell.length_c   195.610
_cell.angle_alpha   90.000
_cell.angle_beta   90.000
_cell.angle_gamma   90.000
#
_symmetry.space_group_name_H-M   'P 43 21 2'
#
loop_
_entity.id
_entity.type
_entity.pdbx_description
1 polymer "CYP124 in complex with inhibitor compound 5'"
2 non-polymer 'PROTOPORPHYRIN IX CONTAINING FE'
3 non-polymer ~{N}-[[[2-methyl-4-(3-methylbutyl)phenyl]amino]methyl]hydroxylamine
4 non-polymer 'TETRAETHYLENE GLYCOL'
5 non-polymer DI(HYDROXYETHYL)ETHER
6 non-polymer GLYCEROL
7 non-polymer 'CHLORIDE ION'
8 water water
#
_entity_poly.entity_id   1
_entity_poly.type   'polypeptide(L)'
_entity_poly.pdbx_seq_one_letter_code
;MHHHHHHMGLNTAIATRVNGTPPPEVPIADIELGSLDFWALDDDVRDGAFATLRREAPISFWPTIELPGFVTGNGHWALT
KYDDVFYASRHPDIFSSYPNITINDQTPELAEYFGSMIVLDDPRHQRLRSIVSRAFTPKVVARIEAAVRDRAHRLVSSMI
ANNPDRQADLVSELAGPLPLQIICDMMGIPKADHQRIFHWTNVILGFGDPDLATDFDEFMQVSADIGAYATALAEDRRVN
HHDDLTSSLVEAEVDGERLSSREIASFFILLVVAGNETTRNAITHGVLALSRYPEQRDRWWSDFDGLAPTAVEEIVRWAS
PVVYMRRTLTQDIELRGTKMAAGDKVSLWYCSANRDESKFADPWTFDLARNPNPHLGFGGGGAHFCLGANLARREIRVAF
DELRRQMPDVVATEEPARLLSQFIHGIKTLPVTWS
;
_entity_poly.pdbx_strand_id   A
#
# COMPACT_ATOMS: atom_id res chain seq x y z
N ILE A 14 19.64 15.52 -4.66
CA ILE A 14 19.32 15.36 -6.07
C ILE A 14 18.79 16.63 -6.70
N ALA A 15 18.53 16.56 -8.00
CA ALA A 15 17.88 17.67 -8.70
C ALA A 15 16.43 17.80 -8.27
N THR A 16 15.99 19.05 -8.09
CA THR A 16 14.58 19.36 -8.03
C THR A 16 13.99 19.39 -9.45
N ARG A 17 12.67 19.41 -9.52
CA ARG A 17 11.97 19.64 -10.77
C ARG A 17 11.09 20.87 -10.62
N VAL A 18 10.46 21.24 -11.72
CA VAL A 18 9.48 22.32 -11.70
C VAL A 18 8.14 21.71 -11.33
N ASN A 19 7.59 22.17 -10.22
CA ASN A 19 6.28 21.69 -9.80
C ASN A 19 5.24 22.06 -10.85
N GLY A 20 4.27 21.16 -11.05
CA GLY A 20 3.21 21.40 -12.02
C GLY A 20 3.49 20.95 -13.44
N THR A 21 4.69 20.45 -13.73
CA THR A 21 5.06 20.03 -15.09
C THR A 21 4.33 18.74 -15.46
N PRO A 22 3.60 18.70 -16.56
CA PRO A 22 2.92 17.44 -16.97
C PRO A 22 3.94 16.44 -17.48
N PRO A 23 3.61 15.15 -17.50
N PRO A 23 3.62 15.15 -17.46
CA PRO A 23 4.57 14.15 -17.95
CA PRO A 23 4.54 14.16 -17.96
C PRO A 23 4.81 14.26 -19.45
C PRO A 23 4.63 14.26 -19.47
N PRO A 24 5.79 13.56 -19.99
N PRO A 24 5.80 14.08 -20.03
CA PRO A 24 6.00 13.62 -21.44
CA PRO A 24 5.90 14.06 -21.50
C PRO A 24 4.84 12.97 -22.16
C PRO A 24 4.92 13.08 -22.15
N GLU A 25 4.61 13.37 -23.41
CA GLU A 25 3.64 12.62 -24.19
C GLU A 25 4.12 11.18 -24.38
N VAL A 26 3.20 10.23 -24.19
CA VAL A 26 3.52 8.82 -24.39
C VAL A 26 2.56 8.27 -25.44
N PRO A 27 3.05 7.96 -26.63
CA PRO A 27 2.17 7.41 -27.67
C PRO A 27 1.50 6.12 -27.21
N ILE A 28 0.21 5.97 -27.52
CA ILE A 28 -0.52 4.81 -27.02
C ILE A 28 0.14 3.50 -27.47
N ALA A 29 0.81 3.49 -28.63
CA ALA A 29 1.46 2.26 -29.10
C ALA A 29 2.65 1.84 -28.24
N ASP A 30 3.21 2.75 -27.43
CA ASP A 30 4.36 2.46 -26.58
C ASP A 30 3.96 1.89 -25.22
N ILE A 31 2.68 1.74 -24.94
CA ILE A 31 2.18 1.37 -23.61
C ILE A 31 1.95 -0.14 -23.60
N GLU A 32 2.63 -0.89 -22.72
CA GLU A 32 2.37 -2.33 -22.58
C GLU A 32 2.22 -2.68 -21.09
N LEU A 33 0.98 -2.58 -20.60
CA LEU A 33 0.73 -2.84 -19.18
C LEU A 33 0.98 -4.30 -18.84
N GLY A 34 1.00 -5.17 -19.85
CA GLY A 34 1.26 -6.58 -19.67
C GLY A 34 2.72 -6.96 -19.62
N SER A 35 3.64 -6.00 -19.71
CA SER A 35 5.06 -6.31 -19.75
C SER A 35 5.76 -5.79 -18.49
N LEU A 36 6.49 -6.69 -17.81
CA LEU A 36 7.26 -6.26 -16.63
C LEU A 36 8.22 -5.12 -16.97
N ASP A 37 8.78 -5.12 -18.18
CA ASP A 37 9.68 -4.04 -18.59
C ASP A 37 9.02 -2.67 -18.50
N PHE A 38 7.73 -2.57 -18.86
CA PHE A 38 7.03 -1.29 -18.71
C PHE A 38 7.10 -0.80 -17.28
N TRP A 39 6.96 -1.72 -16.33
CA TRP A 39 6.89 -1.29 -14.94
C TRP A 39 8.26 -0.94 -14.36
N ALA A 40 9.34 -1.18 -15.11
CA ALA A 40 10.67 -0.70 -14.73
C ALA A 40 10.94 0.73 -15.19
N LEU A 41 10.13 1.27 -16.09
CA LEU A 41 10.33 2.64 -16.57
C LEU A 41 10.03 3.64 -15.45
N ASP A 42 10.53 4.86 -15.63
CA ASP A 42 10.40 5.82 -14.54
C ASP A 42 8.98 6.38 -14.46
N ASP A 43 8.70 7.04 -13.35
CA ASP A 43 7.34 7.47 -13.06
C ASP A 43 6.83 8.51 -14.06
N ASP A 44 7.73 9.30 -14.66
CA ASP A 44 7.30 10.23 -15.69
C ASP A 44 6.66 9.48 -16.86
N VAL A 45 7.29 8.41 -17.29
CA VAL A 45 6.76 7.64 -18.40
C VAL A 45 5.47 6.94 -18.00
N ARG A 46 5.46 6.31 -16.82
CA ARG A 46 4.26 5.63 -16.35
C ARG A 46 3.07 6.59 -16.26
N ASP A 47 3.30 7.77 -15.65
CA ASP A 47 2.23 8.78 -15.50
C ASP A 47 1.74 9.24 -16.88
N GLY A 48 2.68 9.45 -17.81
CA GLY A 48 2.28 9.83 -19.17
C GLY A 48 1.46 8.76 -19.87
N ALA A 49 1.81 7.49 -19.62
CA ALA A 49 1.05 6.39 -20.23
C ALA A 49 -0.37 6.36 -19.70
N PHE A 50 -0.55 6.53 -18.39
CA PHE A 50 -1.94 6.55 -17.92
C PHE A 50 -2.66 7.81 -18.38
N ALA A 51 -1.95 8.93 -18.60
CA ALA A 51 -2.65 10.12 -19.09
C ALA A 51 -3.16 9.88 -20.51
N THR A 52 -2.34 9.18 -21.31
CA THR A 52 -2.76 8.83 -22.66
C THR A 52 -3.96 7.87 -22.64
N LEU A 53 -3.96 6.89 -21.75
CA LEU A 53 -5.12 5.99 -21.66
C LEU A 53 -6.38 6.75 -21.21
N ARG A 54 -6.27 7.60 -20.18
CA ARG A 54 -7.46 8.35 -19.77
C ARG A 54 -8.03 9.13 -20.93
N ARG A 55 -7.16 9.68 -21.78
CA ARG A 55 -7.61 10.52 -22.89
C ARG A 55 -8.18 9.68 -24.05
N GLU A 56 -7.50 8.59 -24.41
CA GLU A 56 -7.76 7.94 -25.69
C GLU A 56 -8.32 6.53 -25.57
N ALA A 57 -8.20 5.88 -24.42
CA ALA A 57 -8.69 4.51 -24.25
C ALA A 57 -8.98 4.25 -22.79
N PRO A 58 -9.98 4.94 -22.22
CA PRO A 58 -10.17 4.91 -20.75
C PRO A 58 -10.55 3.53 -20.22
N ILE A 59 -11.11 2.65 -21.05
CA ILE A 59 -11.27 1.24 -20.70
C ILE A 59 -10.58 0.43 -21.80
N SER A 60 -9.63 -0.42 -21.44
CA SER A 60 -8.81 -1.16 -22.41
C SER A 60 -8.43 -2.49 -21.79
N PHE A 61 -8.10 -3.47 -22.63
CA PHE A 61 -7.85 -4.83 -22.16
C PHE A 61 -6.39 -5.21 -22.37
N TRP A 62 -5.82 -5.87 -21.36
CA TRP A 62 -4.39 -6.15 -21.30
C TRP A 62 -4.13 -7.59 -20.85
N PRO A 63 -3.06 -8.20 -21.35
CA PRO A 63 -2.68 -9.52 -20.84
C PRO A 63 -2.14 -9.40 -19.41
N THR A 64 -2.21 -10.51 -18.69
CA THR A 64 -1.61 -10.58 -17.36
C THR A 64 -0.10 -10.81 -17.46
N ILE A 65 0.66 -10.15 -16.58
CA ILE A 65 2.11 -10.31 -16.60
C ILE A 65 2.45 -11.75 -16.23
N GLU A 66 3.44 -12.31 -16.90
CA GLU A 66 3.79 -13.70 -16.64
C GLU A 66 4.86 -13.71 -15.56
N LEU A 67 4.52 -14.24 -14.40
CA LEU A 67 5.45 -14.37 -13.28
C LEU A 67 5.72 -15.85 -13.01
N PRO A 68 6.98 -16.29 -13.06
CA PRO A 68 7.32 -17.69 -12.78
C PRO A 68 6.66 -18.24 -11.52
N GLY A 69 5.87 -19.32 -11.66
CA GLY A 69 5.19 -19.94 -10.54
C GLY A 69 3.80 -19.42 -10.25
N PHE A 70 3.47 -18.22 -10.70
CA PHE A 70 2.11 -17.71 -10.62
C PHE A 70 1.26 -18.23 -11.79
N VAL A 71 -0.06 -18.16 -11.61
CA VAL A 71 -1.00 -18.57 -12.64
C VAL A 71 -1.45 -17.31 -13.39
N THR A 72 -1.05 -17.24 -14.67
CA THR A 72 -1.38 -16.09 -15.50
C THR A 72 -2.89 -15.98 -15.72
N GLY A 73 -3.48 -16.98 -16.35
CA GLY A 73 -4.91 -16.88 -16.58
C GLY A 73 -5.24 -15.75 -17.53
N ASN A 74 -6.49 -15.30 -17.44
CA ASN A 74 -7.02 -14.31 -18.36
C ASN A 74 -6.41 -12.93 -18.10
N GLY A 75 -6.49 -12.07 -19.13
CA GLY A 75 -6.12 -10.68 -18.97
C GLY A 75 -7.21 -9.88 -18.24
N HIS A 76 -7.08 -8.56 -18.30
CA HIS A 76 -7.92 -7.71 -17.46
C HIS A 76 -8.29 -6.43 -18.18
N TRP A 77 -9.49 -5.92 -17.84
CA TRP A 77 -9.95 -4.60 -18.26
C TRP A 77 -9.41 -3.54 -17.32
N ALA A 78 -8.66 -2.58 -17.86
CA ALA A 78 -8.07 -1.51 -17.04
C ALA A 78 -9.02 -0.33 -16.96
N LEU A 79 -9.46 0.01 -15.74
CA LEU A 79 -10.25 1.21 -15.50
C LEU A 79 -9.29 2.30 -15.03
N THR A 80 -9.11 3.33 -15.86
CA THR A 80 -8.14 4.40 -15.60
C THR A 80 -8.76 5.73 -15.19
N LYS A 81 -10.06 5.89 -15.35
CA LYS A 81 -10.76 7.13 -14.98
C LYS A 81 -11.21 7.07 -13.53
N TYR A 82 -11.07 8.22 -12.83
CA TYR A 82 -11.53 8.31 -11.45
C TYR A 82 -12.99 7.82 -11.30
N ASP A 83 -13.90 8.30 -12.17
CA ASP A 83 -15.33 7.96 -11.99
C ASP A 83 -15.59 6.47 -12.17
N ASP A 84 -14.82 5.79 -13.02
CA ASP A 84 -15.02 4.36 -13.22
C ASP A 84 -14.46 3.56 -12.06
N VAL A 85 -13.30 3.95 -11.54
CA VAL A 85 -12.76 3.29 -10.36
C VAL A 85 -13.73 3.44 -9.21
N PHE A 86 -14.30 4.64 -9.10
CA PHE A 86 -15.28 4.90 -8.02
C PHE A 86 -16.51 4.03 -8.22
N TYR A 87 -17.02 3.98 -9.46
CA TYR A 87 -18.20 3.18 -9.76
C TYR A 87 -17.95 1.70 -9.44
N ALA A 88 -16.82 1.15 -9.90
CA ALA A 88 -16.55 -0.26 -9.64
C ALA A 88 -16.49 -0.53 -8.15
N SER A 89 -15.79 0.33 -7.40
CA SER A 89 -15.67 0.14 -5.97
C SER A 89 -17.03 0.17 -5.27
N ARG A 90 -17.96 1.00 -5.75
CA ARG A 90 -19.22 1.14 -5.05
C ARG A 90 -20.28 0.15 -5.51
N HIS A 91 -19.99 -0.72 -6.50
CA HIS A 91 -20.95 -1.73 -6.96
C HIS A 91 -20.38 -3.14 -6.84
N PRO A 92 -20.13 -3.62 -5.62
CA PRO A 92 -19.47 -4.92 -5.46
C PRO A 92 -20.34 -6.09 -5.88
N ASP A 93 -21.66 -5.93 -5.95
CA ASP A 93 -22.51 -7.02 -6.43
C ASP A 93 -22.19 -7.35 -7.88
N ILE A 94 -21.61 -6.38 -8.60
CA ILE A 94 -21.14 -6.55 -9.98
C ILE A 94 -19.64 -6.81 -10.03
N PHE A 95 -18.86 -6.00 -9.31
CA PHE A 95 -17.40 -6.06 -9.31
C PHE A 95 -16.97 -6.77 -8.03
N SER A 96 -16.86 -8.10 -8.09
CA SER A 96 -16.63 -8.90 -6.89
C SER A 96 -15.15 -8.95 -6.48
N SER A 97 -14.90 -8.99 -5.17
CA SER A 97 -13.53 -9.16 -4.69
C SER A 97 -13.12 -10.63 -4.65
N TYR A 98 -14.07 -11.54 -4.90
CA TYR A 98 -13.74 -12.97 -5.02
C TYR A 98 -13.43 -13.29 -6.48
N PRO A 99 -12.40 -14.08 -6.81
CA PRO A 99 -11.52 -14.87 -5.93
C PRO A 99 -10.17 -14.24 -5.53
N ASN A 100 -9.80 -13.11 -6.12
CA ASN A 100 -8.52 -12.53 -5.81
C ASN A 100 -8.56 -11.05 -6.13
N ILE A 101 -7.69 -10.28 -5.46
CA ILE A 101 -7.62 -8.84 -5.71
C ILE A 101 -6.29 -8.42 -6.34
N THR A 102 -5.41 -9.38 -6.67
CA THR A 102 -4.39 -9.07 -7.66
C THR A 102 -4.81 -9.71 -8.98
N ILE A 103 -4.16 -9.27 -10.06
CA ILE A 103 -4.53 -9.74 -11.39
C ILE A 103 -4.22 -11.22 -11.58
N ASN A 104 -3.04 -11.66 -11.11
N ASN A 104 -3.23 -11.78 -10.89
CA ASN A 104 -2.56 -13.01 -11.35
CA ASN A 104 -3.01 -13.21 -11.03
C ASN A 104 -3.38 -13.99 -10.52
C ASN A 104 -4.15 -14.01 -10.38
N ASP A 105 -3.66 -15.15 -11.10
N ASP A 105 -4.32 -15.25 -10.85
CA ASP A 105 -4.47 -16.15 -10.42
CA ASP A 105 -5.32 -16.15 -10.27
C ASP A 105 -3.69 -16.75 -9.24
C ASP A 105 -4.82 -16.67 -8.94
N GLN A 106 -4.42 -17.17 -8.23
N GLN A 106 -5.76 -17.06 -8.07
CA GLN A 106 -3.80 -17.70 -7.03
CA GLN A 106 -5.35 -17.62 -6.79
C GLN A 106 -3.85 -19.22 -7.03
C GLN A 106 -5.01 -19.09 -6.96
N THR A 107 -2.70 -19.83 -6.75
N THR A 107 -3.76 -19.44 -6.61
CA THR A 107 -2.56 -21.28 -6.67
CA THR A 107 -3.25 -20.80 -6.61
C THR A 107 -3.46 -21.83 -5.55
C THR A 107 -3.89 -21.62 -5.50
N PRO A 108 -3.99 -23.05 -5.71
N PRO A 108 -4.10 -22.93 -5.71
CA PRO A 108 -4.71 -23.67 -4.58
CA PRO A 108 -4.69 -23.74 -4.63
C PRO A 108 -3.83 -23.83 -3.35
C PRO A 108 -3.83 -23.81 -3.37
N GLU A 109 -2.51 -23.96 -3.53
CA GLU A 109 -1.62 -24.02 -2.39
C GLU A 109 -1.51 -22.76 -1.54
N LEU A 110 -1.58 -21.60 -2.21
CA LEU A 110 -1.45 -20.30 -1.50
C LEU A 110 -2.81 -19.81 -0.98
N ALA A 111 -3.91 -20.46 -1.38
CA ALA A 111 -5.25 -20.05 -0.98
C ALA A 111 -5.32 -20.29 0.52
N GLU A 112 -4.56 -21.26 1.03
CA GLU A 112 -4.52 -21.49 2.47
C GLU A 112 -4.03 -20.25 3.22
N TYR A 113 -3.14 -19.46 2.61
CA TYR A 113 -2.54 -18.31 3.27
C TYR A 113 -3.10 -16.97 2.80
N PHE A 114 -3.80 -16.94 1.67
CA PHE A 114 -4.27 -15.67 1.11
C PHE A 114 -5.77 -15.68 0.86
N GLY A 115 -6.54 -16.22 1.80
CA GLY A 115 -7.99 -16.24 1.66
C GLY A 115 -8.70 -15.36 2.69
N SER A 116 -8.16 -14.17 2.97
CA SER A 116 -8.70 -13.28 3.99
C SER A 116 -9.97 -12.58 3.46
N MET A 117 -10.52 -11.70 4.31
CA MET A 117 -11.75 -10.96 3.98
C MET A 117 -11.58 -10.04 2.76
N ILE A 118 -10.34 -9.74 2.36
CA ILE A 118 -10.16 -8.83 1.24
C ILE A 118 -10.46 -9.52 -0.09
N VAL A 119 -10.50 -10.85 -0.12
CA VAL A 119 -10.94 -11.57 -1.32
C VAL A 119 -12.29 -12.24 -1.07
N LEU A 120 -13.14 -11.60 -0.26
CA LEU A 120 -14.49 -12.08 0.01
C LEU A 120 -15.51 -10.94 -0.13
N ASP A 121 -16.73 -11.29 -0.51
CA ASP A 121 -17.81 -10.33 -0.55
C ASP A 121 -18.66 -10.43 0.72
N ASP A 122 -19.50 -9.42 0.93
CA ASP A 122 -20.48 -9.51 1.99
C ASP A 122 -21.50 -10.60 1.65
N PRO A 123 -22.12 -11.24 2.67
CA PRO A 123 -22.02 -10.91 4.10
C PRO A 123 -20.76 -11.39 4.84
N ARG A 124 -20.06 -12.41 4.33
CA ARG A 124 -18.97 -13.00 5.11
C ARG A 124 -17.84 -11.99 5.33
N HIS A 125 -17.55 -11.15 4.33
CA HIS A 125 -16.54 -10.11 4.51
C HIS A 125 -16.87 -9.21 5.71
N GLN A 126 -18.12 -8.74 5.81
CA GLN A 126 -18.43 -7.82 6.90
C GLN A 126 -18.38 -8.52 8.26
N ARG A 127 -18.81 -9.78 8.32
CA ARG A 127 -18.69 -10.53 9.57
C ARG A 127 -17.23 -10.65 10.00
N LEU A 128 -16.32 -10.96 9.07
CA LEU A 128 -14.90 -11.04 9.40
C LEU A 128 -14.33 -9.69 9.81
N ARG A 129 -14.61 -8.64 9.03
CA ARG A 129 -14.10 -7.31 9.33
C ARG A 129 -14.55 -6.84 10.71
N SER A 130 -15.78 -7.21 11.10
CA SER A 130 -16.29 -6.81 12.41
C SER A 130 -15.50 -7.38 13.57
N ILE A 131 -14.72 -8.45 13.37
CA ILE A 131 -13.89 -8.99 14.43
C ILE A 131 -12.85 -7.96 14.88
N VAL A 132 -12.33 -7.14 13.96
CA VAL A 132 -11.19 -6.29 14.29
C VAL A 132 -11.45 -4.81 14.09
N SER A 133 -12.64 -4.42 13.62
CA SER A 133 -12.84 -3.05 13.20
C SER A 133 -12.76 -2.07 14.37
N ARG A 134 -13.26 -2.46 15.54
CA ARG A 134 -13.20 -1.56 16.70
C ARG A 134 -11.76 -1.08 16.96
N ALA A 135 -10.77 -1.96 16.76
CA ALA A 135 -9.38 -1.63 17.04
C ALA A 135 -8.80 -0.55 16.12
N PHE A 136 -9.50 -0.17 15.05
CA PHE A 136 -8.99 0.81 14.10
C PHE A 136 -9.87 2.06 14.05
N THR A 137 -10.84 2.20 14.97
CA THR A 137 -11.70 3.36 14.97
C THR A 137 -10.94 4.57 15.52
N PRO A 138 -11.41 5.80 15.22
CA PRO A 138 -10.61 6.97 15.58
C PRO A 138 -10.28 7.09 17.06
N LYS A 139 -11.19 6.74 17.97
CA LYS A 139 -10.89 6.85 19.40
C LYS A 139 -9.83 5.86 19.84
N VAL A 140 -9.84 4.66 19.25
CA VAL A 140 -8.90 3.61 19.63
C VAL A 140 -7.51 3.89 19.04
N VAL A 141 -7.45 4.35 17.79
CA VAL A 141 -6.16 4.72 17.20
C VAL A 141 -5.57 5.97 17.88
N ALA A 142 -6.43 6.89 18.33
CA ALA A 142 -5.93 8.02 19.08
C ALA A 142 -5.09 7.57 20.28
N ARG A 143 -5.38 6.39 20.84
CA ARG A 143 -4.58 5.87 21.97
C ARG A 143 -3.20 5.41 21.52
N ILE A 144 -3.09 4.90 20.30
CA ILE A 144 -1.83 4.45 19.71
C ILE A 144 -0.94 5.63 19.38
N GLU A 145 -1.51 6.84 19.32
CA GLU A 145 -0.75 8.01 18.89
C GLU A 145 0.56 8.22 19.68
N ALA A 146 0.51 8.07 21.01
CA ALA A 146 1.73 8.26 21.78
C ALA A 146 2.78 7.20 21.43
N ALA A 147 2.37 5.97 21.10
CA ALA A 147 3.35 4.97 20.73
C ALA A 147 3.97 5.29 19.37
N VAL A 148 3.15 5.81 18.45
CA VAL A 148 3.69 6.29 17.16
C VAL A 148 4.71 7.38 17.39
N ARG A 149 4.37 8.35 18.28
CA ARG A 149 5.27 9.46 18.57
C ARG A 149 6.60 8.95 19.14
N ASP A 150 6.53 8.04 20.12
CA ASP A 150 7.71 7.49 20.79
C ASP A 150 8.62 6.77 19.80
N ARG A 151 8.03 5.89 18.98
N ARG A 151 8.04 5.87 18.98
CA ARG A 151 8.83 5.11 18.03
CA ARG A 151 8.85 5.10 18.03
C ARG A 151 9.44 6.00 16.95
C ARG A 151 9.46 6.01 16.95
N ALA A 152 8.70 6.99 16.45
CA ALA A 152 9.23 7.87 15.40
C ALA A 152 10.32 8.78 15.97
N HIS A 153 10.10 9.34 17.15
CA HIS A 153 11.14 10.15 17.79
C HIS A 153 12.43 9.37 17.97
N ARG A 154 12.33 8.14 18.48
CA ARG A 154 13.54 7.40 18.76
C ARG A 154 14.22 6.90 17.48
N LEU A 155 13.46 6.52 16.45
CA LEU A 155 14.08 6.11 15.19
C LEU A 155 14.86 7.27 14.56
N VAL A 156 14.28 8.47 14.54
CA VAL A 156 14.99 9.61 13.95
C VAL A 156 16.22 10.00 14.80
N SER A 157 16.06 10.01 16.13
N SER A 157 16.06 10.01 16.12
CA SER A 157 17.21 10.25 17.02
CA SER A 157 17.20 10.26 17.01
C SER A 157 18.33 9.25 16.75
C SER A 157 18.32 9.24 16.77
N SER A 158 17.97 7.98 16.55
CA SER A 158 18.97 6.95 16.29
C SER A 158 19.64 7.17 14.94
N MET A 159 18.87 7.57 13.93
CA MET A 159 19.48 7.94 12.66
C MET A 159 20.62 8.93 12.88
N ILE A 160 20.37 9.93 13.73
CA ILE A 160 21.37 10.97 13.96
C ILE A 160 22.55 10.40 14.75
N ALA A 161 22.28 9.59 15.77
CA ALA A 161 23.37 9.07 16.60
C ALA A 161 24.24 8.08 15.81
N ASN A 162 23.62 7.27 14.96
CA ASN A 162 24.31 6.20 14.28
C ASN A 162 25.12 6.67 13.08
N ASN A 163 24.89 7.90 12.59
CA ASN A 163 25.43 8.35 11.31
C ASN A 163 26.08 9.72 11.43
N PRO A 164 27.27 9.81 12.05
CA PRO A 164 27.93 11.13 12.15
C PRO A 164 28.28 11.73 10.80
N ASP A 165 28.35 10.92 9.74
CA ASP A 165 28.57 11.49 8.43
C ASP A 165 27.32 12.15 7.86
N ARG A 166 26.20 12.11 8.60
CA ARG A 166 24.95 12.76 8.21
C ARG A 166 24.42 12.24 6.88
N GLN A 167 24.61 10.95 6.65
CA GLN A 167 24.06 10.26 5.50
C GLN A 167 23.49 8.93 5.95
N ALA A 168 22.30 8.58 5.43
CA ALA A 168 21.70 7.30 5.78
C ALA A 168 20.63 6.93 4.76
N ASP A 169 20.18 5.69 4.80
CA ASP A 169 19.04 5.24 4.00
C ASP A 169 17.74 5.49 4.75
N LEU A 170 16.86 6.36 4.21
CA LEU A 170 15.62 6.65 4.93
C LEU A 170 14.74 5.40 5.08
N VAL A 171 14.78 4.48 4.10
CA VAL A 171 13.89 3.32 4.16
C VAL A 171 14.27 2.38 5.30
N SER A 172 15.54 1.99 5.39
CA SER A 172 15.90 1.03 6.43
C SER A 172 15.92 1.65 7.82
N GLU A 173 16.12 2.96 7.93
CA GLU A 173 16.29 3.58 9.25
C GLU A 173 15.03 4.20 9.83
N LEU A 174 14.03 4.53 9.00
CA LEU A 174 12.82 5.19 9.48
C LEU A 174 11.55 4.66 8.81
N ALA A 175 11.45 4.79 7.48
CA ALA A 175 10.17 4.52 6.86
C ALA A 175 9.75 3.07 7.04
N GLY A 176 10.71 2.14 6.97
CA GLY A 176 10.42 0.73 7.19
C GLY A 176 10.09 0.40 8.66
N PRO A 177 10.99 0.72 9.57
CA PRO A 177 10.78 0.27 10.97
C PRO A 177 9.58 0.89 11.67
N LEU A 178 9.18 2.13 11.36
CA LEU A 178 8.08 2.75 12.10
C LEU A 178 6.75 2.00 11.94
N PRO A 179 6.17 1.86 10.74
CA PRO A 179 4.90 1.13 10.62
C PRO A 179 5.02 -0.34 11.02
N LEU A 180 6.19 -0.92 10.81
CA LEU A 180 6.41 -2.33 11.15
C LEU A 180 6.31 -2.52 12.67
N GLN A 181 7.00 -1.69 13.43
N GLN A 181 7.02 -1.70 13.44
CA GLN A 181 6.95 -1.82 14.88
CA GLN A 181 6.93 -1.83 14.89
C GLN A 181 5.53 -1.59 15.39
C GLN A 181 5.49 -1.64 15.35
N ILE A 182 4.81 -0.62 14.82
CA ILE A 182 3.45 -0.31 15.28
C ILE A 182 2.49 -1.50 15.06
N ILE A 183 2.44 -2.02 13.82
CA ILE A 183 1.49 -3.11 13.57
C ILE A 183 1.93 -4.39 14.32
N CYS A 184 3.23 -4.64 14.42
CA CYS A 184 3.64 -5.86 15.13
C CYS A 184 3.24 -5.79 16.60
N ASP A 185 3.33 -4.61 17.20
CA ASP A 185 2.90 -4.49 18.60
C ASP A 185 1.39 -4.65 18.70
N MET A 186 0.62 -4.13 17.73
CA MET A 186 -0.83 -4.32 17.77
C MET A 186 -1.21 -5.80 17.67
N MET A 187 -0.47 -6.57 16.87
CA MET A 187 -0.73 -7.99 16.68
C MET A 187 -0.33 -8.84 17.87
N GLY A 188 0.56 -8.35 18.72
CA GLY A 188 1.11 -9.15 19.79
C GLY A 188 2.37 -9.91 19.43
N ILE A 189 3.03 -9.51 18.36
CA ILE A 189 4.26 -10.19 17.90
C ILE A 189 5.43 -9.72 18.74
N PRO A 190 6.25 -10.63 19.29
CA PRO A 190 7.42 -10.21 20.08
C PRO A 190 8.44 -9.45 19.24
N LYS A 191 9.11 -8.48 19.89
CA LYS A 191 10.05 -7.61 19.19
C LYS A 191 11.16 -8.39 18.52
N ALA A 192 11.58 -9.52 19.11
CA ALA A 192 12.64 -10.32 18.51
C ALA A 192 12.34 -10.76 17.10
N ASP A 193 11.05 -10.84 16.74
CA ASP A 193 10.63 -11.41 15.47
C ASP A 193 10.28 -10.38 14.40
N HIS A 194 10.47 -9.09 14.70
N HIS A 194 10.40 -9.07 14.63
CA HIS A 194 10.05 -8.04 13.78
CA HIS A 194 9.85 -8.31 13.52
C HIS A 194 10.83 -8.09 12.46
C HIS A 194 10.84 -8.02 12.40
N GLN A 195 12.11 -8.44 12.49
CA GLN A 195 12.88 -8.50 11.25
C GLN A 195 12.46 -9.68 10.36
N ARG A 196 12.06 -10.80 10.96
CA ARG A 196 11.50 -11.89 10.16
C ARG A 196 10.20 -11.47 9.49
N ILE A 197 9.34 -10.74 10.22
CA ILE A 197 8.11 -10.21 9.64
C ILE A 197 8.42 -9.24 8.51
N PHE A 198 9.41 -8.35 8.71
CA PHE A 198 9.81 -7.42 7.66
C PHE A 198 10.24 -8.16 6.40
N HIS A 199 11.11 -9.17 6.58
CA HIS A 199 11.62 -9.90 5.43
C HIS A 199 10.50 -10.65 4.70
N TRP A 200 9.61 -11.30 5.46
CA TRP A 200 8.48 -12.02 4.88
C TRP A 200 7.56 -11.07 4.10
N THR A 201 7.22 -9.94 4.71
N THR A 201 7.27 -9.92 4.70
CA THR A 201 6.43 -8.91 4.04
CA THR A 201 6.39 -8.92 4.03
C THR A 201 7.06 -8.51 2.72
C THR A 201 7.05 -8.46 2.73
N ASN A 202 8.37 -8.28 2.73
CA ASN A 202 9.04 -7.79 1.52
C ASN A 202 9.10 -8.85 0.43
N VAL A 203 9.22 -10.13 0.80
CA VAL A 203 9.20 -11.14 -0.25
C VAL A 203 7.78 -11.27 -0.81
N ILE A 204 6.76 -11.26 0.06
CA ILE A 204 5.39 -11.45 -0.42
C ILE A 204 4.98 -10.32 -1.33
N LEU A 205 5.35 -9.09 -1.02
CA LEU A 205 4.95 -7.97 -1.89
C LEU A 205 6.03 -7.51 -2.86
N GLY A 206 7.20 -8.14 -2.88
CA GLY A 206 8.25 -7.77 -3.79
C GLY A 206 8.52 -8.81 -4.87
N PHE A 207 7.70 -9.86 -4.96
CA PHE A 207 8.01 -10.95 -5.87
C PHE A 207 8.05 -10.45 -7.31
N GLY A 208 9.09 -10.85 -8.04
CA GLY A 208 9.33 -10.39 -9.39
C GLY A 208 10.47 -9.40 -9.49
N ASP A 209 10.78 -8.72 -8.39
CA ASP A 209 11.98 -7.89 -8.32
C ASP A 209 13.17 -8.75 -7.91
N PRO A 210 14.19 -8.90 -8.76
CA PRO A 210 15.37 -9.72 -8.40
C PRO A 210 16.05 -9.30 -7.11
N ASP A 211 15.93 -8.04 -6.69
CA ASP A 211 16.50 -7.65 -5.39
C ASP A 211 15.75 -8.25 -4.22
N LEU A 212 14.55 -8.79 -4.43
CA LEU A 212 13.74 -9.34 -3.34
C LEU A 212 13.51 -10.84 -3.50
N ALA A 213 12.92 -11.26 -4.62
CA ALA A 213 12.65 -12.68 -4.87
C ALA A 213 12.16 -12.86 -6.30
N THR A 214 12.83 -13.70 -7.07
CA THR A 214 12.34 -14.14 -8.36
C THR A 214 12.03 -15.63 -8.38
N ASP A 215 12.43 -16.36 -7.35
CA ASP A 215 12.22 -17.81 -7.27
C ASP A 215 10.91 -18.10 -6.54
N PHE A 216 10.03 -18.87 -7.20
CA PHE A 216 8.73 -19.16 -6.61
C PHE A 216 8.84 -20.09 -5.40
N ASP A 217 9.85 -20.98 -5.38
CA ASP A 217 10.07 -21.81 -4.21
C ASP A 217 10.28 -20.95 -2.97
N GLU A 218 11.02 -19.85 -3.12
CA GLU A 218 11.22 -18.96 -1.97
C GLU A 218 9.92 -18.28 -1.57
N PHE A 219 9.08 -17.92 -2.54
CA PHE A 219 7.79 -17.30 -2.21
C PHE A 219 6.89 -18.27 -1.46
N MET A 220 6.84 -19.53 -1.90
CA MET A 220 6.04 -20.52 -1.18
C MET A 220 6.64 -20.87 0.17
N GLN A 221 7.98 -20.86 0.30
CA GLN A 221 8.58 -21.11 1.61
C GLN A 221 8.26 -19.99 2.57
N VAL A 222 8.39 -18.75 2.12
CA VAL A 222 8.08 -17.59 2.95
C VAL A 222 6.60 -17.61 3.36
N SER A 223 5.70 -17.91 2.41
CA SER A 223 4.28 -18.01 2.73
C SER A 223 4.03 -19.07 3.80
N ALA A 224 4.58 -20.26 3.58
CA ALA A 224 4.43 -21.35 4.54
C ALA A 224 4.99 -20.96 5.92
N ASP A 225 6.11 -20.25 5.93
CA ASP A 225 6.76 -19.92 7.22
C ASP A 225 5.95 -18.88 7.98
N ILE A 226 5.44 -17.86 7.30
CA ILE A 226 4.65 -16.86 8.02
C ILE A 226 3.30 -17.45 8.42
N GLY A 227 2.74 -18.36 7.61
CA GLY A 227 1.52 -19.05 8.04
C GLY A 227 1.74 -19.94 9.26
N ALA A 228 2.87 -20.65 9.31
CA ALA A 228 3.19 -21.45 10.48
C ALA A 228 3.43 -20.56 11.69
N TYR A 229 4.11 -19.43 11.50
CA TYR A 229 4.34 -18.48 12.59
C TYR A 229 3.01 -17.96 13.14
N ALA A 230 2.09 -17.60 12.24
CA ALA A 230 0.77 -17.15 12.64
C ALA A 230 0.07 -18.23 13.48
N THR A 231 0.08 -19.47 12.99
CA THR A 231 -0.61 -20.56 13.68
C THR A 231 -0.04 -20.83 15.06
N ALA A 232 1.28 -20.83 15.22
CA ALA A 232 1.86 -21.01 16.56
C ALA A 232 1.47 -19.87 17.50
N LEU A 233 1.54 -18.62 17.03
CA LEU A 233 1.16 -17.51 17.91
C LEU A 233 -0.30 -17.63 18.32
N ALA A 234 -1.16 -18.03 17.37
CA ALA A 234 -2.57 -18.24 17.64
C ALA A 234 -2.78 -19.32 18.69
N GLU A 235 -2.07 -20.44 18.57
N GLU A 235 -2.08 -20.45 18.56
CA GLU A 235 -2.21 -21.50 19.58
CA GLU A 235 -2.20 -21.51 19.57
C GLU A 235 -1.83 -20.99 20.97
C GLU A 235 -1.82 -20.98 20.95
N ASP A 236 -0.71 -20.27 21.05
N ASP A 236 -0.70 -20.27 21.04
CA ASP A 236 -0.31 -19.70 22.34
CA ASP A 236 -0.29 -19.67 22.31
C ASP A 236 -1.40 -18.78 22.90
C ASP A 236 -1.40 -18.79 22.89
N ARG A 237 -1.97 -17.91 22.06
CA ARG A 237 -3.03 -17.01 22.54
C ARG A 237 -4.30 -17.76 22.90
N ARG A 238 -4.53 -18.93 22.28
N ARG A 238 -4.52 -18.92 22.26
CA ARG A 238 -5.69 -19.72 22.66
CA ARG A 238 -5.67 -19.75 22.62
C ARG A 238 -5.52 -20.28 24.05
C ARG A 238 -5.51 -20.28 24.04
N VAL A 239 -4.27 -20.57 24.43
CA VAL A 239 -4.03 -20.96 25.82
C VAL A 239 -4.03 -19.75 26.76
N ASN A 240 -3.26 -18.70 26.45
CA ASN A 240 -3.10 -17.52 27.31
C ASN A 240 -3.51 -16.25 26.58
N HIS A 241 -4.67 -15.69 26.93
CA HIS A 241 -5.15 -14.47 26.30
C HIS A 241 -4.20 -13.30 26.56
N HIS A 242 -3.96 -12.48 25.53
CA HIS A 242 -3.33 -11.18 25.69
C HIS A 242 -4.21 -10.10 25.07
N ASP A 243 -3.82 -8.87 25.32
CA ASP A 243 -4.54 -7.69 24.83
C ASP A 243 -3.98 -7.31 23.46
N ASP A 244 -4.29 -8.13 22.45
CA ASP A 244 -3.75 -7.93 21.10
C ASP A 244 -4.70 -8.50 20.05
N LEU A 245 -4.42 -8.23 18.77
CA LEU A 245 -5.34 -8.64 17.71
C LEU A 245 -5.35 -10.15 17.51
N THR A 246 -4.22 -10.84 17.72
CA THR A 246 -4.20 -12.29 17.53
C THR A 246 -5.15 -12.99 18.51
N SER A 247 -5.21 -12.52 19.76
CA SER A 247 -6.19 -13.08 20.70
C SER A 247 -7.61 -12.83 20.23
N SER A 248 -7.89 -11.62 19.70
CA SER A 248 -9.19 -11.36 19.09
C SER A 248 -9.53 -12.40 18.04
N LEU A 249 -8.58 -12.68 17.15
CA LEU A 249 -8.83 -13.64 16.08
C LEU A 249 -9.17 -15.04 16.62
N VAL A 250 -8.40 -15.50 17.61
CA VAL A 250 -8.66 -16.88 18.06
C VAL A 250 -9.91 -16.98 18.93
N GLU A 251 -10.37 -15.87 19.49
CA GLU A 251 -11.54 -15.91 20.37
C GLU A 251 -12.85 -15.63 19.64
N ALA A 252 -12.80 -15.13 18.41
CA ALA A 252 -14.02 -14.75 17.69
C ALA A 252 -14.84 -15.98 17.33
N GLU A 253 -16.16 -15.77 17.26
CA GLU A 253 -17.08 -16.74 16.68
C GLU A 253 -18.00 -16.00 15.72
N VAL A 254 -18.19 -16.57 14.54
CA VAL A 254 -19.08 -16.04 13.52
C VAL A 254 -20.28 -16.98 13.49
N ASP A 255 -21.37 -16.58 14.16
CA ASP A 255 -22.57 -17.40 14.28
C ASP A 255 -22.24 -18.74 14.96
N GLY A 256 -21.53 -18.66 16.07
CA GLY A 256 -21.23 -19.84 16.87
C GLY A 256 -20.10 -20.72 16.39
N GLU A 257 -19.40 -20.34 15.32
CA GLU A 257 -18.27 -21.11 14.80
C GLU A 257 -16.97 -20.31 14.91
N ARG A 258 -15.97 -20.91 15.55
CA ARG A 258 -14.64 -20.34 15.60
C ARG A 258 -14.04 -20.30 14.19
N LEU A 259 -13.09 -19.37 13.99
CA LEU A 259 -12.35 -19.33 12.75
C LEU A 259 -11.40 -20.52 12.65
N SER A 260 -11.27 -21.06 11.44
CA SER A 260 -10.41 -22.18 11.16
C SER A 260 -8.94 -21.75 11.13
N SER A 261 -8.04 -22.72 11.18
CA SER A 261 -6.62 -22.38 11.16
C SER A 261 -6.27 -21.58 9.89
N ARG A 262 -6.83 -21.95 8.74
CA ARG A 262 -6.50 -21.18 7.53
C ARG A 262 -7.12 -19.79 7.56
N GLU A 263 -8.33 -19.65 8.11
CA GLU A 263 -8.91 -18.31 8.25
C GLU A 263 -8.06 -17.46 9.19
N ILE A 264 -7.57 -18.03 10.29
CA ILE A 264 -6.75 -17.27 11.22
C ILE A 264 -5.44 -16.86 10.56
N ALA A 265 -4.76 -17.83 9.93
CA ALA A 265 -3.50 -17.51 9.27
C ALA A 265 -3.69 -16.43 8.20
N SER A 266 -4.80 -16.50 7.46
CA SER A 266 -5.04 -15.53 6.38
C SER A 266 -5.32 -14.15 6.95
N PHE A 267 -6.07 -14.08 8.07
CA PHE A 267 -6.36 -12.79 8.69
C PHE A 267 -5.07 -12.16 9.21
N PHE A 268 -4.23 -12.96 9.87
CA PHE A 268 -2.99 -12.49 10.47
C PHE A 268 -2.05 -11.93 9.40
N ILE A 269 -1.91 -12.69 8.32
CA ILE A 269 -1.05 -12.27 7.23
C ILE A 269 -1.58 -10.98 6.58
N LEU A 270 -2.90 -10.89 6.36
CA LEU A 270 -3.46 -9.66 5.79
C LEU A 270 -3.12 -8.46 6.65
N LEU A 271 -3.35 -8.57 7.96
CA LEU A 271 -3.14 -7.42 8.85
C LEU A 271 -1.68 -7.01 8.92
N VAL A 272 -0.77 -7.98 9.02
N VAL A 272 -0.75 -7.98 9.03
CA VAL A 272 0.64 -7.66 9.14
CA VAL A 272 0.65 -7.58 9.15
C VAL A 272 1.17 -7.03 7.84
C VAL A 272 1.16 -7.00 7.84
N VAL A 273 0.80 -7.60 6.70
CA VAL A 273 1.32 -7.09 5.45
C VAL A 273 0.70 -5.73 5.14
N ALA A 274 -0.64 -5.61 5.29
CA ALA A 274 -1.30 -4.34 5.04
C ALA A 274 -0.81 -3.26 6.00
N GLY A 275 -0.43 -3.66 7.23
CA GLY A 275 -0.08 -2.64 8.20
C GLY A 275 1.30 -2.05 8.11
N ASN A 276 2.18 -2.56 7.27
CA ASN A 276 3.44 -1.83 7.29
C ASN A 276 3.93 -1.37 5.91
N GLU A 277 3.73 -2.14 4.85
CA GLU A 277 4.41 -1.82 3.60
C GLU A 277 3.92 -0.51 2.96
N THR A 278 2.60 -0.28 2.89
CA THR A 278 2.12 0.91 2.15
C THR A 278 2.48 2.19 2.89
N THR A 279 2.39 2.19 4.24
CA THR A 279 2.76 3.38 4.98
C THR A 279 4.23 3.70 4.79
N ARG A 280 5.08 2.66 4.82
CA ARG A 280 6.50 2.86 4.56
C ARG A 280 6.73 3.61 3.25
N ASN A 281 6.04 3.17 2.18
CA ASN A 281 6.26 3.81 0.89
C ASN A 281 5.67 5.22 0.83
N ALA A 282 4.56 5.49 1.52
CA ALA A 282 4.02 6.84 1.59
C ALA A 282 5.03 7.80 2.22
N ILE A 283 5.69 7.38 3.32
CA ILE A 283 6.69 8.25 3.92
C ILE A 283 7.86 8.49 2.97
N THR A 284 8.39 7.41 2.35
CA THR A 284 9.55 7.62 1.49
C THR A 284 9.21 8.52 0.29
N HIS A 285 8.05 8.31 -0.33
CA HIS A 285 7.65 9.17 -1.44
C HIS A 285 7.44 10.61 -0.98
N GLY A 286 6.93 10.79 0.26
CA GLY A 286 6.77 12.13 0.78
C GLY A 286 8.10 12.84 0.96
N VAL A 287 9.11 12.14 1.48
CA VAL A 287 10.41 12.79 1.62
C VAL A 287 11.02 13.10 0.25
N LEU A 288 10.83 12.20 -0.71
CA LEU A 288 11.35 12.49 -2.04
C LEU A 288 10.70 13.73 -2.63
N ALA A 289 9.37 13.88 -2.43
CA ALA A 289 8.66 15.03 -2.97
C ALA A 289 9.09 16.33 -2.29
N LEU A 290 9.23 16.33 -0.96
CA LEU A 290 9.76 17.54 -0.34
C LEU A 290 11.14 17.87 -0.86
N SER A 291 11.92 16.86 -1.22
CA SER A 291 13.24 17.13 -1.80
C SER A 291 13.12 17.76 -3.18
N ARG A 292 12.16 17.30 -3.98
CA ARG A 292 12.03 17.82 -5.34
C ARG A 292 11.36 19.18 -5.38
N TYR A 293 10.50 19.50 -4.39
CA TYR A 293 9.68 20.72 -4.40
C TYR A 293 9.90 21.47 -3.08
N PRO A 294 11.06 22.11 -2.93
CA PRO A 294 11.43 22.72 -1.63
C PRO A 294 10.47 23.80 -1.18
N GLU A 295 9.78 24.46 -2.12
N GLU A 295 9.78 24.49 -2.10
CA GLU A 295 8.74 25.43 -1.77
CA GLU A 295 8.77 25.45 -1.69
C GLU A 295 7.67 24.80 -0.89
C GLU A 295 7.67 24.80 -0.85
N GLN A 296 7.34 23.53 -1.14
CA GLN A 296 6.30 22.88 -0.34
C GLN A 296 6.82 22.57 1.05
N ARG A 297 8.07 22.11 1.15
CA ARG A 297 8.66 21.93 2.48
C ARG A 297 8.63 23.23 3.26
N ASP A 298 9.06 24.33 2.65
CA ASP A 298 9.06 25.62 3.36
C ASP A 298 7.67 26.00 3.84
N ARG A 299 6.66 25.84 2.97
CA ARG A 299 5.29 26.15 3.36
C ARG A 299 4.84 25.30 4.55
N TRP A 300 5.06 23.99 4.48
CA TRP A 300 4.64 23.10 5.57
C TRP A 300 5.39 23.43 6.86
N TRP A 301 6.70 23.67 6.76
CA TRP A 301 7.45 23.88 8.01
C TRP A 301 7.07 25.22 8.66
N SER A 302 6.58 26.16 7.86
CA SER A 302 6.18 27.45 8.43
C SER A 302 4.85 27.38 9.17
N ASP A 303 4.07 26.31 8.99
CA ASP A 303 2.82 26.11 9.73
C ASP A 303 2.49 24.62 9.79
N PHE A 304 3.25 23.84 10.59
CA PHE A 304 3.13 22.38 10.47
C PHE A 304 1.72 21.90 10.81
N ASP A 305 1.20 22.29 11.98
CA ASP A 305 -0.09 21.75 12.41
C ASP A 305 -1.24 22.26 11.55
N GLY A 306 -1.13 23.49 11.02
CA GLY A 306 -2.23 24.01 10.23
C GLY A 306 -2.33 23.32 8.88
N LEU A 307 -1.19 22.99 8.29
N LEU A 307 -1.17 23.00 8.29
CA LEU A 307 -1.18 22.37 6.96
CA LEU A 307 -1.09 22.38 6.93
C LEU A 307 -1.16 20.85 6.98
C LEU A 307 -1.06 20.85 6.97
N ALA A 308 -0.84 20.22 8.12
CA ALA A 308 -0.71 18.76 8.15
C ALA A 308 -1.94 18.03 7.60
N PRO A 309 -3.20 18.41 7.91
CA PRO A 309 -4.34 17.67 7.33
C PRO A 309 -4.26 17.54 5.82
N THR A 310 -4.10 18.67 5.12
CA THR A 310 -4.06 18.61 3.65
C THR A 310 -2.72 18.04 3.17
N ALA A 311 -1.63 18.28 3.89
CA ALA A 311 -0.33 17.81 3.43
C ALA A 311 -0.25 16.28 3.42
N VAL A 312 -0.79 15.62 4.46
CA VAL A 312 -0.77 14.17 4.52
C VAL A 312 -1.61 13.56 3.39
N GLU A 313 -2.77 14.18 3.12
CA GLU A 313 -3.61 13.66 2.04
C GLU A 313 -2.93 13.85 0.70
N GLU A 314 -2.21 14.98 0.51
CA GLU A 314 -1.55 15.17 -0.79
C GLU A 314 -0.36 14.25 -0.93
N ILE A 315 0.26 13.86 0.17
CA ILE A 315 1.33 12.86 0.06
C ILE A 315 0.75 11.51 -0.37
N VAL A 316 -0.43 11.15 0.15
CA VAL A 316 -1.00 9.87 -0.24
C VAL A 316 -1.45 9.92 -1.70
N ARG A 317 -2.13 10.99 -2.10
CA ARG A 317 -2.49 11.14 -3.52
C ARG A 317 -1.26 11.05 -4.43
N TRP A 318 -0.19 11.75 -4.06
CA TRP A 318 1.00 11.81 -4.90
C TRP A 318 1.69 10.46 -5.00
N ALA A 319 1.81 9.76 -3.86
CA ALA A 319 2.53 8.49 -3.81
C ALA A 319 1.70 7.35 -4.41
N SER A 320 0.37 7.36 -4.20
CA SER A 320 -0.52 6.21 -4.46
C SER A 320 0.16 4.88 -4.17
N PRO A 321 0.45 4.57 -2.92
CA PRO A 321 1.26 3.38 -2.60
C PRO A 321 0.72 2.04 -3.14
N VAL A 322 -0.60 1.88 -3.26
CA VAL A 322 -1.22 0.74 -3.94
C VAL A 322 -1.56 1.22 -5.34
N VAL A 323 -0.93 0.60 -6.33
CA VAL A 323 -1.08 1.05 -7.71
C VAL A 323 -2.47 0.69 -8.23
N TYR A 324 -2.94 -0.53 -7.96
CA TYR A 324 -4.25 -1.01 -8.40
C TYR A 324 -4.74 -2.09 -7.43
N MET A 325 -6.04 -2.37 -7.48
CA MET A 325 -6.65 -3.60 -6.97
C MET A 325 -7.56 -4.17 -8.07
N ARG A 326 -7.73 -5.50 -8.04
N ARG A 326 -7.74 -5.49 -8.06
CA ARG A 326 -8.47 -6.20 -9.09
CA ARG A 326 -8.48 -6.15 -9.13
C ARG A 326 -9.87 -6.58 -8.59
C ARG A 326 -9.84 -6.62 -8.61
N ARG A 327 -10.83 -6.66 -9.52
CA ARG A 327 -12.17 -7.20 -9.28
C ARG A 327 -12.52 -8.23 -10.36
N THR A 328 -13.64 -8.94 -10.18
CA THR A 328 -14.08 -9.97 -11.14
C THR A 328 -15.57 -9.80 -11.40
N LEU A 329 -15.98 -9.72 -12.67
CA LEU A 329 -17.39 -9.43 -12.93
C LEU A 329 -18.23 -10.66 -12.57
N THR A 330 -19.38 -10.41 -11.94
CA THR A 330 -20.38 -11.43 -11.70
C THR A 330 -21.46 -11.49 -12.79
N GLN A 331 -21.47 -10.56 -13.74
CA GLN A 331 -22.48 -10.53 -14.77
C GLN A 331 -21.94 -9.68 -15.91
N ASP A 332 -22.53 -9.84 -17.09
CA ASP A 332 -22.21 -8.96 -18.20
C ASP A 332 -22.57 -7.52 -17.88
N ILE A 333 -21.73 -6.58 -18.31
CA ILE A 333 -22.03 -5.15 -18.17
C ILE A 333 -21.47 -4.42 -19.39
N GLU A 334 -21.96 -3.21 -19.62
CA GLU A 334 -21.26 -2.30 -20.52
C GLU A 334 -21.04 -0.96 -19.83
N LEU A 335 -19.83 -0.42 -19.96
N LEU A 335 -19.85 -0.40 -20.03
CA LEU A 335 -19.48 0.90 -19.46
CA LEU A 335 -19.45 0.88 -19.46
C LEU A 335 -18.77 1.67 -20.55
C LEU A 335 -18.73 1.69 -20.53
N ARG A 336 -19.18 2.94 -20.74
CA ARG A 336 -18.56 3.84 -21.74
C ARG A 336 -18.55 3.18 -23.12
N GLY A 337 -19.60 2.45 -23.44
CA GLY A 337 -19.70 1.73 -24.71
C GLY A 337 -18.96 0.39 -24.76
N THR A 338 -18.19 0.02 -23.73
CA THR A 338 -17.39 -1.21 -23.75
C THR A 338 -18.13 -2.37 -23.11
N LYS A 339 -18.36 -3.44 -23.88
CA LYS A 339 -19.03 -4.63 -23.35
C LYS A 339 -18.02 -5.55 -22.67
N MET A 340 -18.26 -5.85 -21.38
CA MET A 340 -17.42 -6.71 -20.56
C MET A 340 -18.27 -7.90 -20.11
N ALA A 341 -17.63 -9.08 -20.00
CA ALA A 341 -18.38 -10.32 -19.78
C ALA A 341 -18.29 -10.82 -18.35
N ALA A 342 -19.34 -11.50 -17.91
CA ALA A 342 -19.29 -12.15 -16.59
C ALA A 342 -18.04 -13.03 -16.49
N GLY A 343 -17.32 -12.89 -15.36
CA GLY A 343 -16.09 -13.62 -15.16
C GLY A 343 -14.82 -12.89 -15.54
N ASP A 344 -14.91 -11.81 -16.32
CA ASP A 344 -13.73 -11.04 -16.72
C ASP A 344 -13.07 -10.39 -15.51
N LYS A 345 -11.75 -10.26 -15.56
CA LYS A 345 -10.98 -9.50 -14.57
C LYS A 345 -11.05 -8.02 -14.88
N VAL A 346 -11.11 -7.19 -13.82
CA VAL A 346 -11.16 -5.75 -13.96
C VAL A 346 -10.12 -5.16 -13.01
N SER A 347 -9.24 -4.30 -13.53
CA SER A 347 -8.20 -3.68 -12.68
C SER A 347 -8.52 -2.22 -12.45
N LEU A 348 -8.42 -1.76 -11.18
CA LEU A 348 -8.82 -0.42 -10.78
C LEU A 348 -7.53 0.35 -10.51
N TRP A 349 -7.18 1.31 -11.37
CA TRP A 349 -5.86 1.95 -11.32
C TRP A 349 -5.93 3.23 -10.51
N TYR A 350 -5.66 3.09 -9.19
CA TYR A 350 -5.68 4.26 -8.32
C TYR A 350 -4.62 5.27 -8.73
N CYS A 351 -3.48 4.79 -9.24
CA CYS A 351 -2.42 5.70 -9.62
C CYS A 351 -2.89 6.66 -10.71
N SER A 352 -3.82 6.20 -11.55
CA SER A 352 -4.39 6.98 -12.64
C SER A 352 -5.56 7.84 -12.14
N ALA A 353 -6.45 7.25 -11.35
CA ALA A 353 -7.55 8.04 -10.79
C ALA A 353 -7.02 9.27 -10.07
N ASN A 354 -5.87 9.14 -9.42
CA ASN A 354 -5.28 10.22 -8.62
C ASN A 354 -4.51 11.25 -9.45
N ARG A 355 -4.53 11.12 -10.80
CA ARG A 355 -4.07 12.17 -11.68
C ARG A 355 -5.15 12.60 -12.66
N ASP A 356 -6.40 12.18 -12.43
CA ASP A 356 -7.50 12.41 -13.39
C ASP A 356 -7.83 13.90 -13.49
N GLU A 357 -7.53 14.48 -14.65
CA GLU A 357 -7.69 15.90 -14.94
C GLU A 357 -9.12 16.40 -14.78
N SER A 358 -10.09 15.50 -14.85
CA SER A 358 -11.48 15.92 -14.73
C SER A 358 -11.94 15.96 -13.29
N LYS A 359 -11.14 15.43 -12.37
CA LYS A 359 -11.43 15.44 -10.94
C LYS A 359 -10.51 16.36 -10.15
N PHE A 360 -9.25 16.51 -10.55
CA PHE A 360 -8.31 17.33 -9.80
C PHE A 360 -7.88 18.52 -10.66
N ALA A 361 -8.01 19.72 -10.10
CA ALA A 361 -7.40 20.89 -10.70
C ALA A 361 -5.88 20.82 -10.58
N ASP A 362 -5.17 21.07 -11.66
CA ASP A 362 -3.72 20.99 -11.70
C ASP A 362 -3.23 19.67 -11.10
N PRO A 363 -3.55 18.52 -11.70
CA PRO A 363 -3.20 17.24 -11.07
C PRO A 363 -1.69 17.00 -10.99
N TRP A 364 -0.87 17.70 -11.78
CA TRP A 364 0.59 17.52 -11.80
C TRP A 364 1.29 18.46 -10.81
N THR A 365 0.53 19.22 -10.04
CA THR A 365 1.07 20.07 -8.97
C THR A 365 0.98 19.34 -7.63
N PHE A 366 2.12 19.24 -6.95
CA PHE A 366 2.20 18.67 -5.60
C PHE A 366 1.96 19.87 -4.70
N ASP A 367 0.73 19.97 -4.16
CA ASP A 367 0.27 21.15 -3.45
C ASP A 367 -0.13 20.71 -2.04
N LEU A 368 0.69 21.01 -1.04
CA LEU A 368 0.37 20.51 0.29
C LEU A 368 -0.82 21.22 0.93
N ALA A 369 -1.35 22.29 0.33
CA ALA A 369 -2.58 22.94 0.79
C ALA A 369 -3.82 22.49 0.01
N ARG A 370 -3.69 21.49 -0.87
CA ARG A 370 -4.78 21.11 -1.78
C ARG A 370 -6.05 20.75 -1.01
N ASN A 371 -7.17 21.39 -1.35
CA ASN A 371 -8.47 21.08 -0.75
C ASN A 371 -9.61 21.56 -1.64
N PRO A 372 -10.67 20.74 -1.86
CA PRO A 372 -10.84 19.34 -1.48
C PRO A 372 -9.78 18.45 -2.13
N ASN A 373 -9.67 17.21 -1.65
CA ASN A 373 -8.71 16.24 -2.20
C ASN A 373 -9.29 14.84 -2.02
N PRO A 374 -10.30 14.49 -2.82
CA PRO A 374 -10.99 13.19 -2.67
C PRO A 374 -10.24 12.06 -3.37
N HIS A 375 -8.95 11.96 -3.10
CA HIS A 375 -8.08 10.98 -3.75
C HIS A 375 -8.52 9.57 -3.40
N LEU A 376 -8.09 8.63 -4.25
CA LEU A 376 -8.41 7.22 -4.10
C LEU A 376 -7.22 6.40 -3.64
N GLY A 377 -6.27 7.03 -2.89
CA GLY A 377 -5.13 6.26 -2.39
C GLY A 377 -5.52 5.11 -1.45
N PHE A 378 -6.58 5.30 -0.67
CA PHE A 378 -7.15 4.25 0.16
C PHE A 378 -8.24 3.49 -0.56
N GLY A 379 -8.29 3.57 -1.90
CA GLY A 379 -9.32 2.90 -2.66
C GLY A 379 -10.44 3.84 -3.02
N GLY A 380 -11.41 3.27 -3.76
CA GLY A 380 -12.56 4.01 -4.23
C GLY A 380 -13.69 4.18 -3.24
N GLY A 381 -13.55 3.69 -2.00
CA GLY A 381 -14.62 3.81 -1.03
C GLY A 381 -15.49 2.58 -1.01
N GLY A 382 -16.46 2.58 -0.09
CA GLY A 382 -17.36 1.45 0.02
C GLY A 382 -16.89 0.33 0.94
N ALA A 383 -17.23 -0.91 0.58
CA ALA A 383 -17.20 -2.03 1.51
C ALA A 383 -15.80 -2.38 2.02
N HIS A 384 -14.79 -2.26 1.15
CA HIS A 384 -13.42 -2.64 1.50
C HIS A 384 -12.53 -1.43 1.81
N PHE A 385 -13.12 -0.26 2.06
CA PHE A 385 -12.33 0.94 2.33
C PHE A 385 -11.26 0.64 3.38
N CYS A 386 -10.03 1.04 3.09
CA CYS A 386 -8.86 0.67 3.89
C CYS A 386 -9.15 0.69 5.40
N LEU A 387 -8.95 -0.45 6.05
CA LEU A 387 -9.22 -0.53 7.49
C LEU A 387 -8.25 0.37 8.28
N GLY A 388 -7.02 0.54 7.80
CA GLY A 388 -6.03 1.26 8.57
C GLY A 388 -5.84 2.72 8.22
N ALA A 389 -6.80 3.37 7.54
CA ALA A 389 -6.51 4.67 6.94
C ALA A 389 -6.23 5.73 8.00
N ASN A 390 -6.95 5.70 9.11
CA ASN A 390 -6.71 6.68 10.17
C ASN A 390 -5.35 6.46 10.84
N LEU A 391 -5.01 5.19 11.11
CA LEU A 391 -3.68 4.88 11.63
C LEU A 391 -2.58 5.34 10.67
N ALA A 392 -2.75 5.06 9.37
CA ALA A 392 -1.74 5.48 8.40
C ALA A 392 -1.55 6.98 8.41
N ARG A 393 -2.65 7.73 8.42
CA ARG A 393 -2.54 9.19 8.41
C ARG A 393 -1.77 9.68 9.63
N ARG A 394 -2.02 9.04 10.79
CA ARG A 394 -1.29 9.43 12.00
C ARG A 394 0.20 9.15 11.88
N GLU A 395 0.56 7.96 11.38
CA GLU A 395 1.97 7.59 11.28
C GLU A 395 2.70 8.53 10.32
N ILE A 396 2.05 8.87 9.20
CA ILE A 396 2.67 9.82 8.27
C ILE A 396 2.88 11.18 8.94
N ARG A 397 1.83 11.71 9.57
N ARG A 397 1.83 11.70 9.57
CA ARG A 397 1.94 13.06 10.17
CA ARG A 397 1.92 13.06 10.18
C ARG A 397 3.02 13.11 11.25
C ARG A 397 3.00 13.11 11.26
N VAL A 398 3.11 12.06 12.08
CA VAL A 398 4.10 12.06 13.15
C VAL A 398 5.52 11.88 12.60
N ALA A 399 5.69 11.03 11.59
CA ALA A 399 7.03 10.89 11.01
C ALA A 399 7.53 12.22 10.47
N PHE A 400 6.67 12.95 9.74
CA PHE A 400 7.14 14.22 9.20
C PHE A 400 7.35 15.26 10.28
N ASP A 401 6.55 15.25 11.34
CA ASP A 401 6.79 16.19 12.43
C ASP A 401 8.16 15.93 13.08
N GLU A 402 8.54 14.65 13.23
CA GLU A 402 9.85 14.34 13.81
C GLU A 402 10.99 14.73 12.88
N LEU A 403 10.82 14.56 11.57
CA LEU A 403 11.85 15.06 10.67
C LEU A 403 11.96 16.58 10.76
N ARG A 404 10.82 17.30 10.77
CA ARG A 404 10.83 18.76 10.90
C ARG A 404 11.57 19.18 12.17
N ARG A 405 11.34 18.46 13.26
CA ARG A 405 11.91 18.84 14.53
C ARG A 405 13.42 18.54 14.59
N GLN A 406 13.83 17.35 14.16
CA GLN A 406 15.19 16.89 14.40
C GLN A 406 16.14 17.11 13.23
N MET A 407 15.66 17.09 12.00
CA MET A 407 16.52 17.23 10.82
C MET A 407 15.70 17.92 9.72
N PRO A 408 15.36 19.21 9.90
CA PRO A 408 14.37 19.84 9.01
C PRO A 408 14.82 19.94 7.58
N ASP A 409 16.12 19.91 7.30
N ASP A 409 16.13 19.89 7.32
CA ASP A 409 16.57 19.99 5.92
CA ASP A 409 16.71 19.96 5.98
C ASP A 409 16.86 18.62 5.31
C ASP A 409 16.98 18.59 5.40
N VAL A 410 16.37 17.53 5.92
CA VAL A 410 16.62 16.18 5.40
C VAL A 410 16.23 16.17 3.92
N VAL A 411 17.14 15.69 3.08
N VAL A 411 17.18 15.78 3.06
CA VAL A 411 16.91 15.78 1.64
CA VAL A 411 16.96 15.81 1.61
C VAL A 411 17.56 14.58 0.98
C VAL A 411 17.55 14.55 1.00
N ALA A 412 16.88 14.03 -0.03
CA ALA A 412 17.42 12.91 -0.76
C ALA A 412 18.69 13.32 -1.51
N THR A 413 19.71 12.45 -1.50
CA THR A 413 20.96 12.71 -2.20
C THR A 413 21.12 11.90 -3.45
N GLU A 414 20.31 10.86 -3.65
CA GLU A 414 20.31 10.07 -4.87
C GLU A 414 18.88 9.79 -5.26
N GLU A 415 18.68 9.46 -6.53
CA GLU A 415 17.36 9.04 -6.97
C GLU A 415 17.01 7.72 -6.28
N PRO A 416 15.72 7.47 -6.03
CA PRO A 416 15.33 6.23 -5.35
C PRO A 416 15.64 4.99 -6.19
N ALA A 417 15.99 3.91 -5.51
CA ALA A 417 15.94 2.59 -6.14
C ALA A 417 14.48 2.11 -6.10
N ARG A 418 13.82 2.09 -7.25
N ARG A 418 13.83 2.09 -7.25
CA ARG A 418 12.39 1.81 -7.29
CA ARG A 418 12.40 1.80 -7.31
C ARG A 418 12.11 0.32 -7.41
C ARG A 418 12.16 0.29 -7.37
N LEU A 419 11.17 -0.15 -6.60
CA LEU A 419 10.72 -1.54 -6.65
C LEU A 419 10.10 -1.87 -8.01
N LEU A 420 10.48 -3.02 -8.57
CA LEU A 420 9.91 -3.49 -9.85
C LEU A 420 8.61 -4.20 -9.54
N SER A 421 7.49 -3.50 -9.69
CA SER A 421 6.19 -4.02 -9.29
C SER A 421 5.10 -3.30 -10.07
N GLN A 422 4.07 -4.07 -10.48
CA GLN A 422 2.82 -3.56 -11.04
C GLN A 422 1.80 -3.16 -9.97
N PHE A 423 1.98 -3.66 -8.75
CA PHE A 423 0.96 -3.63 -7.71
C PHE A 423 1.27 -2.60 -6.62
N ILE A 424 2.55 -2.41 -6.30
CA ILE A 424 3.04 -1.61 -5.17
C ILE A 424 3.98 -0.54 -5.70
N HIS A 425 3.76 0.72 -5.30
CA HIS A 425 4.63 1.82 -5.71
C HIS A 425 5.75 1.93 -4.67
N GLY A 426 6.67 0.99 -4.72
CA GLY A 426 7.65 0.83 -3.65
C GLY A 426 8.98 1.50 -3.91
N ILE A 427 9.66 1.88 -2.84
CA ILE A 427 11.01 2.39 -2.93
C ILE A 427 11.88 1.53 -2.03
N LYS A 428 12.91 0.88 -2.61
CA LYS A 428 13.76 -0.02 -1.82
C LYS A 428 14.80 0.73 -0.98
N THR A 429 15.40 1.79 -1.53
CA THR A 429 16.39 2.57 -0.79
C THR A 429 16.23 4.04 -1.18
N LEU A 430 16.42 4.93 -0.21
CA LEU A 430 16.49 6.37 -0.51
C LEU A 430 17.56 7.02 0.36
N PRO A 431 18.79 7.15 -0.16
CA PRO A 431 19.81 7.87 0.61
C PRO A 431 19.41 9.32 0.86
N VAL A 432 19.60 9.77 2.10
CA VAL A 432 19.31 11.15 2.47
C VAL A 432 20.48 11.70 3.26
N THR A 433 20.47 13.03 3.41
CA THR A 433 21.42 13.77 4.22
C THR A 433 20.70 14.89 4.94
N TRP A 434 21.33 15.41 5.99
CA TRP A 434 20.72 16.48 6.78
C TRP A 434 21.84 17.31 7.38
N SER A 435 21.46 18.44 7.99
CA SER A 435 22.41 19.24 8.75
C SER A 435 22.54 18.70 10.16
#